data_3RKL
#
_entry.id   3RKL
#
_cell.length_a   80.930
_cell.length_b   88.962
_cell.length_c   55.346
_cell.angle_alpha   90.00
_cell.angle_beta   123.48
_cell.angle_gamma   90.00
#
_symmetry.space_group_name_H-M   'C 1 2 1'
#
loop_
_entity.id
_entity.type
_entity.pdbx_description
1 polymer STIV-A81
2 non-polymer 'ACETATE ION'
3 water water
#
_entity_poly.entity_id   1
_entity_poly.type   'polypeptide(L)'
_entity_poly.pdbx_seq_one_letter_code
;(MSE)SKITINIKDNTIEYGHKEFVLSNLQEDIKNLAEIVYQLAKLIEKLSQYEEEVDTELYNLLHEYAIYLAGATS
(MSE)FIDSENKHHHHHH
;
_entity_poly.pdbx_strand_id   A,B,C,D
#
# COMPACT_ATOMS: atom_id res chain seq x y z
N SER A 2 -17.13 -33.44 -12.70
CA SER A 2 -16.66 -33.58 -11.31
C SER A 2 -17.69 -33.00 -10.33
N LYS A 3 -17.45 -33.24 -9.04
CA LYS A 3 -18.42 -32.86 -8.02
C LYS A 3 -17.72 -32.25 -6.81
N ILE A 4 -18.23 -31.13 -6.35
CA ILE A 4 -17.81 -30.51 -5.09
C ILE A 4 -18.88 -30.73 -4.03
N THR A 5 -18.48 -31.26 -2.87
CA THR A 5 -19.44 -31.48 -1.78
C THR A 5 -19.08 -30.63 -0.56
N ILE A 6 -20.06 -29.87 -0.09
CA ILE A 6 -19.90 -29.02 1.08
C ILE A 6 -20.82 -29.53 2.18
N ASN A 7 -20.24 -29.89 3.31
CA ASN A 7 -21.01 -30.41 4.44
C ASN A 7 -21.29 -29.30 5.44
N ILE A 8 -22.54 -29.25 5.89
CA ILE A 8 -22.96 -28.24 6.84
C ILE A 8 -23.61 -28.94 8.03
N LYS A 9 -23.02 -28.73 9.20
CA LYS A 9 -23.57 -29.19 10.48
C LYS A 9 -23.91 -27.95 11.29
N ASP A 10 -25.20 -27.64 11.36
CA ASP A 10 -25.71 -26.49 12.10
C ASP A 10 -25.13 -25.19 11.52
N ASN A 11 -24.25 -24.52 12.27
CA ASN A 11 -23.63 -23.27 11.80
C ASN A 11 -22.16 -23.44 11.39
N THR A 12 -21.77 -24.69 11.12
CA THR A 12 -20.38 -25.02 10.82
C THR A 12 -20.28 -25.64 9.45
N ILE A 13 -19.30 -25.20 8.69
CA ILE A 13 -19.00 -25.78 7.38
C ILE A 13 -17.82 -26.73 7.54
N GLU A 14 -17.94 -27.90 6.93
CA GLU A 14 -16.90 -28.91 6.97
C GLU A 14 -16.42 -29.10 5.54
N TYR A 15 -15.12 -28.89 5.33
CA TYR A 15 -14.52 -29.00 3.98
C TYR A 15 -12.99 -29.11 4.06
N GLY A 16 -12.41 -29.94 3.19
CA GLY A 16 -10.94 -30.01 3.03
C GLY A 16 -10.09 -30.05 4.29
N HIS A 17 -10.46 -30.95 5.20
CA HIS A 17 -9.75 -31.17 6.48
C HIS A 17 -9.95 -30.04 7.51
N LYS A 18 -10.87 -29.12 7.22
CA LYS A 18 -11.11 -27.98 8.09
C LYS A 18 -12.60 -27.80 8.43
N GLU A 19 -12.85 -27.12 9.56
CA GLU A 19 -14.20 -26.74 10.00
C GLU A 19 -14.26 -25.23 10.17
N PHE A 20 -15.34 -24.61 9.67
CA PHE A 20 -15.47 -23.15 9.70
C PHE A 20 -16.82 -22.75 10.28
N VAL A 21 -16.78 -22.01 11.39
CA VAL A 21 -18.00 -21.64 12.13
C VAL A 21 -18.46 -20.24 11.80
N LEU A 22 -19.72 -20.12 11.38
CA LEU A 22 -20.33 -18.83 11.11
C LEU A 22 -21.06 -18.35 12.37
N SER A 23 -21.03 -17.05 12.61
CA SER A 23 -21.68 -16.48 13.81
C SER A 23 -22.61 -15.29 13.54
N ASN A 24 -22.40 -14.61 12.42
CA ASN A 24 -23.25 -13.50 12.02
C ASN A 24 -23.33 -13.52 10.51
N LEU A 25 -24.33 -14.20 9.97
CA LEU A 25 -24.36 -14.50 8.53
C LEU A 25 -24.27 -13.26 7.66
N GLN A 26 -25.06 -12.24 7.98
CA GLN A 26 -25.07 -11.00 7.18
C GLN A 26 -23.65 -10.41 7.08
N GLU A 27 -22.95 -10.35 8.21
CA GLU A 27 -21.61 -9.78 8.27
C GLU A 27 -20.58 -10.71 7.68
N ASP A 28 -20.69 -11.99 8.00
CA ASP A 28 -19.77 -13.01 7.50
C ASP A 28 -19.80 -13.12 5.98
N ILE A 29 -21.00 -13.02 5.40
CA ILE A 29 -21.11 -13.09 3.95
C ILE A 29 -20.36 -11.92 3.30
N LYS A 30 -20.56 -10.70 3.81
CA LYS A 30 -19.83 -9.53 3.27
C LYS A 30 -18.32 -9.73 3.43
N ASN A 31 -17.91 -10.14 4.61
CA ASN A 31 -16.49 -10.29 4.91
C ASN A 31 -15.81 -11.37 4.04
N LEU A 32 -16.50 -12.49 3.89
CA LEU A 32 -15.97 -13.59 3.08
C LEU A 32 -15.89 -13.19 1.60
N ALA A 33 -16.88 -12.45 1.10
CA ALA A 33 -16.84 -11.99 -0.29
C ALA A 33 -15.64 -11.07 -0.53
N GLU A 34 -15.41 -10.18 0.43
CA GLU A 34 -14.29 -9.26 0.36
CA GLU A 34 -14.27 -9.26 0.36
C GLU A 34 -12.96 -10.01 0.37
N ILE A 35 -12.84 -11.03 1.24
CA ILE A 35 -11.63 -11.84 1.31
C ILE A 35 -11.37 -12.55 -0.02
N VAL A 36 -12.41 -13.15 -0.60
CA VAL A 36 -12.28 -13.84 -1.88
C VAL A 36 -11.84 -12.85 -2.96
N TYR A 37 -12.47 -11.68 -3.02
CA TYR A 37 -12.10 -10.65 -4.00
C TYR A 37 -10.62 -10.26 -3.81
N GLN A 38 -10.25 -9.98 -2.58
CA GLN A 38 -8.87 -9.56 -2.28
C GLN A 38 -7.84 -10.64 -2.64
N LEU A 39 -8.15 -11.90 -2.37
CA LEU A 39 -7.25 -13.00 -2.74
C LEU A 39 -7.09 -13.08 -4.24
N ALA A 40 -8.20 -12.99 -4.96
CA ALA A 40 -8.16 -13.06 -6.39
C ALA A 40 -7.33 -11.91 -6.98
N LYS A 41 -7.51 -10.70 -6.45
CA LYS A 41 -6.78 -9.55 -6.94
C LYS A 41 -5.30 -9.64 -6.62
N LEU A 42 -4.97 -10.19 -5.46
CA LEU A 42 -3.57 -10.37 -5.06
C LEU A 42 -2.87 -11.37 -5.98
N ILE A 43 -3.56 -12.47 -6.29
CA ILE A 43 -3.01 -13.46 -7.21
C ILE A 43 -2.73 -12.80 -8.57
N GLU A 44 -3.67 -11.99 -9.03
CA GLU A 44 -3.52 -11.28 -10.30
C GLU A 44 -2.27 -10.40 -10.32
N LYS A 45 -2.09 -9.64 -9.23
CA LYS A 45 -0.98 -8.70 -9.15
C LYS A 45 0.35 -9.43 -9.00
N LEU A 46 0.37 -10.50 -8.20
CA LEU A 46 1.60 -11.28 -8.03
C LEU A 46 2.01 -11.95 -9.34
N SER A 47 1.02 -12.27 -10.15
CA SER A 47 1.27 -12.94 -11.44
C SER A 47 2.07 -12.10 -12.44
N GLN A 48 2.09 -10.77 -12.24
CA GLN A 48 2.94 -9.86 -13.03
C GLN A 48 4.42 -10.20 -12.89
N TYR A 49 4.81 -10.69 -11.71
CA TYR A 49 6.21 -10.94 -11.35
C TYR A 49 6.55 -12.40 -11.12
N GLU A 50 5.55 -13.21 -10.79
CA GLU A 50 5.81 -14.60 -10.44
C GLU A 50 5.28 -15.54 -11.50
N GLU A 51 6.17 -16.35 -12.05
CA GLU A 51 5.76 -17.41 -12.97
C GLU A 51 4.74 -18.32 -12.28
N GLU A 52 5.06 -18.71 -11.05
CA GLU A 52 4.17 -19.53 -10.21
C GLU A 52 3.81 -18.80 -8.93
N VAL A 53 2.55 -18.40 -8.80
CA VAL A 53 2.06 -17.86 -7.54
C VAL A 53 1.83 -19.01 -6.56
N ASP A 54 2.22 -18.80 -5.30
CA ASP A 54 2.14 -19.87 -4.27
C ASP A 54 0.77 -20.57 -4.26
N THR A 55 0.80 -21.90 -4.27
CA THR A 55 -0.40 -22.73 -4.24
C THR A 55 -1.27 -22.43 -3.03
N GLU A 56 -0.64 -22.03 -1.92
CA GLU A 56 -1.39 -21.68 -0.73
C GLU A 56 -2.42 -20.58 -1.00
N LEU A 57 -2.08 -19.61 -1.85
CA LEU A 57 -3.03 -18.53 -2.17
C LEU A 57 -4.24 -19.05 -2.93
N TYR A 58 -4.02 -19.95 -3.89
CA TYR A 58 -5.14 -20.57 -4.63
C TYR A 58 -6.02 -21.43 -3.72
N ASN A 59 -5.37 -22.15 -2.80
CA ASN A 59 -6.05 -22.96 -1.80
C ASN A 59 -6.94 -22.10 -0.88
N LEU A 60 -6.38 -21.00 -0.36
CA LEU A 60 -7.14 -20.06 0.49
C LEU A 60 -8.33 -19.49 -0.27
N LEU A 61 -8.08 -19.09 -1.51
CA LEU A 61 -9.12 -18.53 -2.36
C LEU A 61 -10.32 -19.47 -2.46
N HIS A 62 -10.01 -20.74 -2.76
CA HIS A 62 -11.06 -21.73 -2.91
C HIS A 62 -11.77 -22.01 -1.59
N GLU A 63 -10.98 -22.17 -0.53
CA GLU A 63 -11.51 -22.44 0.81
C GLU A 63 -12.54 -21.38 1.21
N TYR A 64 -12.15 -20.11 1.10
CA TYR A 64 -13.04 -19.02 1.52
C TYR A 64 -14.26 -18.90 0.61
N ALA A 65 -14.12 -19.21 -0.68
CA ALA A 65 -15.26 -19.25 -1.58
C ALA A 65 -16.25 -20.37 -1.18
N ILE A 66 -15.71 -21.49 -0.73
CA ILE A 66 -16.53 -22.60 -0.24
C ILE A 66 -17.32 -22.16 1.02
N TYR A 67 -16.65 -21.49 1.94
CA TYR A 67 -17.31 -21.02 3.17
C TYR A 67 -18.42 -20.02 2.84
N LEU A 68 -18.14 -19.17 1.86
CA LEU A 68 -19.11 -18.20 1.39
C LEU A 68 -20.34 -18.88 0.77
N ALA A 69 -20.12 -19.92 -0.05
CA ALA A 69 -21.25 -20.66 -0.64
C ALA A 69 -22.09 -21.31 0.45
N GLY A 70 -21.44 -21.88 1.45
CA GLY A 70 -22.14 -22.48 2.60
C GLY A 70 -22.90 -21.45 3.41
N ALA A 71 -22.25 -20.32 3.69
CA ALA A 71 -22.89 -19.21 4.42
C ALA A 71 -24.16 -18.68 3.73
N THR A 72 -24.08 -18.47 2.42
CA THR A 72 -25.27 -18.01 1.69
C THR A 72 -26.39 -19.06 1.70
N SER A 73 -26.03 -20.33 1.74
CA SER A 73 -27.04 -21.38 1.83
C SER A 73 -27.77 -21.27 3.16
N PHE A 75 -28.06 -18.68 4.96
CA PHE A 75 -28.78 -17.40 4.95
C PHE A 75 -30.16 -17.54 4.33
N ILE A 76 -30.27 -18.26 3.21
CA ILE A 76 -31.57 -18.39 2.54
C ILE A 76 -32.48 -19.39 3.25
N ASP A 77 -31.91 -20.47 3.75
CA ASP A 77 -32.66 -21.44 4.55
C ASP A 77 -33.29 -20.74 5.75
N SER A 78 -32.48 -19.91 6.42
CA SER A 78 -32.93 -19.16 7.59
C SER A 78 -34.03 -18.16 7.25
N GLU A 79 -33.88 -17.48 6.11
CA GLU A 79 -34.86 -16.52 5.66
C GLU A 79 -36.20 -17.20 5.34
N ASN A 80 -36.15 -18.35 4.68
CA ASN A 80 -37.39 -19.09 4.37
C ASN A 80 -38.10 -19.62 5.62
N LYS A 81 -37.33 -19.94 6.65
CA LYS A 81 -37.88 -20.35 7.94
C LYS A 81 -38.59 -19.18 8.62
N SER B 2 26.41 -4.19 -4.97
CA SER B 2 25.96 -3.15 -4.00
C SER B 2 25.21 -3.84 -2.86
N LYS B 3 25.25 -3.23 -1.67
CA LYS B 3 24.51 -3.73 -0.51
C LYS B 3 23.65 -2.63 0.10
N ILE B 4 22.51 -3.04 0.65
CA ILE B 4 21.71 -2.22 1.55
C ILE B 4 21.66 -2.95 2.87
N THR B 5 22.00 -2.27 3.97
CA THR B 5 22.05 -2.91 5.28
C THR B 5 21.07 -2.25 6.23
N ILE B 6 20.18 -3.06 6.80
CA ILE B 6 19.24 -2.58 7.80
C ILE B 6 19.67 -3.17 9.13
N ASN B 7 19.93 -2.31 10.11
CA ASN B 7 20.37 -2.75 11.44
C ASN B 7 19.19 -2.74 12.39
N ILE B 8 19.08 -3.80 13.18
CA ILE B 8 17.98 -3.97 14.13
C ILE B 8 18.55 -4.27 15.50
N LYS B 9 18.15 -3.46 16.48
CA LYS B 9 18.54 -3.69 17.88
C LYS B 9 17.27 -3.64 18.69
N ASP B 10 16.93 -4.78 19.30
CA ASP B 10 15.71 -4.91 20.09
C ASP B 10 14.50 -4.49 19.26
N ASN B 11 13.80 -3.42 19.64
CA ASN B 11 12.62 -3.00 18.88
C ASN B 11 12.89 -1.80 17.98
N THR B 12 14.17 -1.54 17.69
CA THR B 12 14.54 -0.34 16.94
C THR B 12 15.26 -0.66 15.65
N ILE B 13 14.75 -0.08 14.56
CA ILE B 13 15.41 -0.14 13.25
C ILE B 13 16.33 1.07 13.12
N GLU B 14 17.58 0.81 12.75
CA GLU B 14 18.58 1.86 12.56
C GLU B 14 18.96 1.89 11.08
N TYR B 15 18.73 3.02 10.42
CA TYR B 15 19.00 3.16 9.00
C TYR B 15 19.04 4.65 8.66
N GLY B 16 19.99 5.04 7.80
CA GLY B 16 20.02 6.42 7.26
C GLY B 16 20.11 7.51 8.31
N HIS B 17 20.89 7.23 9.37
CA HIS B 17 21.09 8.14 10.50
C HIS B 17 19.83 8.41 11.33
N LYS B 18 18.85 7.52 11.21
CA LYS B 18 17.62 7.60 12.00
C LYS B 18 17.34 6.30 12.73
N GLU B 19 16.60 6.42 13.84
CA GLU B 19 16.05 5.28 14.58
C GLU B 19 14.53 5.25 14.39
N PHE B 20 13.98 4.07 14.12
CA PHE B 20 12.53 3.87 14.03
C PHE B 20 12.11 2.79 15.02
N VAL B 21 11.36 3.16 16.05
CA VAL B 21 11.00 2.24 17.14
C VAL B 21 9.66 1.58 16.90
N LEU B 22 9.63 0.25 17.01
CA LEU B 22 8.42 -0.52 16.82
C LEU B 22 7.74 -0.66 18.18
N SER B 23 6.42 -0.55 18.19
CA SER B 23 5.66 -0.64 19.46
CA SER B 23 5.60 -0.58 19.42
C SER B 23 4.67 -1.79 19.47
N ASN B 24 4.04 -2.07 18.34
CA ASN B 24 3.09 -3.17 18.23
C ASN B 24 3.31 -3.67 16.83
N LEU B 25 4.00 -4.79 16.68
CA LEU B 25 4.49 -5.16 15.34
C LEU B 25 3.36 -5.27 14.32
N GLN B 26 2.28 -5.95 14.68
CA GLN B 26 1.21 -6.18 13.69
C GLN B 26 0.55 -4.87 13.26
N GLU B 27 0.33 -3.96 14.22
CA GLU B 27 -0.26 -2.66 13.94
C GLU B 27 0.70 -1.79 13.14
N ASP B 28 1.97 -1.78 13.55
CA ASP B 28 2.98 -1.01 12.82
C ASP B 28 3.12 -1.49 11.38
N ILE B 29 3.11 -2.81 11.17
CA ILE B 29 3.20 -3.37 9.80
C ILE B 29 2.02 -2.84 8.96
N LYS B 30 0.83 -2.88 9.53
CA LYS B 30 -0.38 -2.35 8.85
C LYS B 30 -0.20 -0.88 8.46
N ASN B 31 0.23 -0.09 9.44
CA ASN B 31 0.38 1.35 9.23
C ASN B 31 1.47 1.67 8.21
N LEU B 32 2.59 0.94 8.28
CA LEU B 32 3.71 1.15 7.37
C LEU B 32 3.33 0.79 5.93
N ALA B 33 2.57 -0.29 5.76
CA ALA B 33 2.09 -0.70 4.44
C ALA B 33 1.20 0.39 3.87
N GLU B 34 0.36 0.97 4.71
CA GLU B 34 -0.55 2.04 4.27
CA GLU B 34 -0.55 2.03 4.27
C GLU B 34 0.23 3.26 3.84
N ILE B 35 1.25 3.63 4.61
CA ILE B 35 2.10 4.78 4.28
C ILE B 35 2.83 4.60 2.95
N VAL B 36 3.45 3.44 2.71
CA VAL B 36 4.17 3.26 1.44
C VAL B 36 3.19 3.30 0.27
N TYR B 37 2.00 2.74 0.45
CA TYR B 37 0.97 2.78 -0.58
C TYR B 37 0.57 4.24 -0.87
N GLN B 38 0.28 4.98 0.18
CA GLN B 38 -0.10 6.40 0.05
C GLN B 38 1.01 7.20 -0.65
N LEU B 39 2.26 6.95 -0.31
CA LEU B 39 3.37 7.65 -0.97
C LEU B 39 3.42 7.30 -2.46
N ALA B 40 3.36 6.01 -2.76
CA ALA B 40 3.41 5.58 -4.15
C ALA B 40 2.27 6.15 -4.98
N LYS B 41 1.06 6.11 -4.43
CA LYS B 41 -0.10 6.62 -5.17
C LYS B 41 -0.06 8.15 -5.34
N LEU B 42 0.47 8.85 -4.34
CA LEU B 42 0.63 10.33 -4.47
C LEU B 42 1.64 10.63 -5.56
N ILE B 43 2.76 9.91 -5.56
CA ILE B 43 3.79 10.04 -6.60
C ILE B 43 3.17 9.87 -7.98
N GLU B 44 2.36 8.83 -8.13
CA GLU B 44 1.66 8.53 -9.39
C GLU B 44 0.76 9.71 -9.82
N LYS B 45 -0.04 10.20 -8.89
CA LYS B 45 -0.97 11.31 -9.21
C LYS B 45 -0.23 12.60 -9.55
N LEU B 46 0.85 12.87 -8.82
CA LEU B 46 1.63 14.09 -9.05
C LEU B 46 2.39 14.06 -10.36
N SER B 47 2.68 12.87 -10.85
CA SER B 47 3.47 12.71 -12.08
C SER B 47 2.80 13.33 -13.30
N GLN B 48 1.48 13.52 -13.21
CA GLN B 48 0.71 14.17 -14.27
C GLN B 48 1.01 15.68 -14.39
N TYR B 49 1.48 16.29 -13.30
CA TYR B 49 1.71 17.74 -13.25
C TYR B 49 3.15 18.16 -12.97
N GLU B 50 3.91 17.29 -12.33
CA GLU B 50 5.30 17.57 -11.99
C GLU B 50 6.22 16.81 -12.93
N GLU B 51 7.00 17.56 -13.71
CA GLU B 51 7.96 17.02 -14.67
C GLU B 51 9.04 16.19 -13.95
N GLU B 52 9.43 16.65 -12.76
CA GLU B 52 10.18 15.84 -11.81
C GLU B 52 9.40 15.79 -10.51
N VAL B 53 8.83 14.63 -10.19
CA VAL B 53 8.16 14.45 -8.90
C VAL B 53 9.21 14.47 -7.78
N ASP B 54 8.87 15.12 -6.68
CA ASP B 54 9.77 15.29 -5.53
C ASP B 54 10.68 14.08 -5.25
N THR B 55 11.98 14.37 -5.24
CA THR B 55 12.96 13.49 -4.62
C THR B 55 12.58 13.22 -3.17
N GLU B 56 11.97 14.23 -2.53
CA GLU B 56 11.48 14.12 -1.16
C GLU B 56 10.53 12.92 -0.99
N LEU B 57 9.60 12.80 -1.92
CA LEU B 57 8.61 11.73 -1.86
C LEU B 57 9.25 10.34 -2.06
N TYR B 58 10.18 10.21 -3.00
CA TYR B 58 10.87 8.92 -3.18
C TYR B 58 11.81 8.59 -2.02
N ASN B 59 12.41 9.63 -1.43
CA ASN B 59 13.21 9.46 -0.21
C ASN B 59 12.37 8.89 0.94
N LEU B 60 11.19 9.48 1.14
CA LEU B 60 10.24 9.02 2.15
C LEU B 60 9.78 7.61 1.84
N LEU B 61 9.48 7.33 0.56
CA LEU B 61 9.00 6.02 0.15
C LEU B 61 10.05 4.97 0.46
N HIS B 62 11.31 5.28 0.14
CA HIS B 62 12.42 4.36 0.43
C HIS B 62 12.56 4.13 1.94
N GLU B 63 12.56 5.21 2.71
CA GLU B 63 12.69 5.14 4.17
C GLU B 63 11.61 4.23 4.76
N TYR B 64 10.37 4.49 4.40
CA TYR B 64 9.26 3.70 4.96
C TYR B 64 9.23 2.26 4.45
N ALA B 65 9.73 2.03 3.23
CA ALA B 65 9.89 0.67 2.72
C ALA B 65 10.87 -0.12 3.56
N ILE B 66 11.96 0.54 3.91
CA ILE B 66 13.00 -0.02 4.79
C ILE B 66 12.38 -0.37 6.14
N TYR B 67 11.58 0.52 6.71
CA TYR B 67 10.97 0.25 8.00
C TYR B 67 10.01 -0.93 7.89
N LEU B 68 9.26 -1.01 6.78
CA LEU B 68 8.35 -2.15 6.56
C LEU B 68 9.11 -3.46 6.43
N ALA B 69 10.22 -3.42 5.69
CA ALA B 69 11.06 -4.61 5.51
C ALA B 69 11.64 -5.06 6.85
N GLY B 70 12.06 -4.11 7.68
CA GLY B 70 12.57 -4.43 9.01
C GLY B 70 11.49 -4.99 9.93
N ALA B 71 10.34 -4.33 9.96
CA ALA B 71 9.22 -4.71 10.85
C ALA B 71 8.73 -6.09 10.53
N THR B 72 8.56 -6.36 9.24
CA THR B 72 8.10 -7.68 8.80
C THR B 72 9.11 -8.78 9.16
N SER B 73 10.40 -8.45 9.06
CA SER B 73 11.46 -9.40 9.43
C SER B 73 11.38 -9.71 10.93
N PHE B 75 8.77 -9.47 12.84
CA PHE B 75 7.58 -10.25 13.12
C PHE B 75 7.82 -11.74 12.85
N ILE B 76 8.42 -12.04 11.70
CA ILE B 76 8.70 -13.43 11.33
C ILE B 76 9.64 -14.08 12.34
N ASP B 77 10.67 -13.33 12.75
CA ASP B 77 11.63 -13.80 13.75
C ASP B 77 10.90 -14.13 15.04
N SER B 78 9.97 -13.24 15.42
CA SER B 78 9.21 -13.40 16.66
C SER B 78 8.33 -14.65 16.63
N GLU B 79 7.67 -14.86 15.51
CA GLU B 79 6.81 -16.04 15.33
C GLU B 79 7.58 -17.35 15.33
N ASN B 80 8.80 -17.33 14.81
CA ASN B 80 9.67 -18.50 14.81
C ASN B 80 10.25 -18.81 16.19
N LYS B 81 10.43 -17.77 17.01
CA LYS B 81 10.76 -17.91 18.42
C LYS B 81 9.46 -18.10 19.21
N SER C 2 21.28 -7.13 15.11
CA SER C 2 20.95 -8.01 13.97
C SER C 2 21.04 -7.19 12.70
N LYS C 3 21.28 -7.86 11.56
CA LYS C 3 21.36 -7.20 10.25
C LYS C 3 20.44 -7.87 9.23
N ILE C 4 19.89 -7.05 8.34
CA ILE C 4 19.25 -7.51 7.13
C ILE C 4 20.07 -6.93 5.98
N THR C 5 20.46 -7.79 5.04
CA THR C 5 21.30 -7.39 3.92
C THR C 5 20.56 -7.64 2.62
N ILE C 6 20.42 -6.60 1.82
CA ILE C 6 19.82 -6.72 0.49
C ILE C 6 20.94 -6.51 -0.52
N ASN C 7 21.19 -7.49 -1.39
CA ASN C 7 22.24 -7.39 -2.39
C ASN C 7 21.64 -6.92 -3.71
N ILE C 8 22.32 -5.97 -4.35
CA ILE C 8 21.85 -5.43 -5.60
C ILE C 8 22.97 -5.53 -6.63
N LYS C 9 22.67 -6.15 -7.76
CA LYS C 9 23.63 -6.28 -8.88
C LYS C 9 22.92 -5.84 -10.14
N ASP C 10 23.36 -4.70 -10.66
CA ASP C 10 22.76 -4.12 -11.86
C ASP C 10 21.26 -3.86 -11.59
N ASN C 11 20.39 -4.55 -12.31
CA ASN C 11 18.95 -4.36 -12.17
C ASN C 11 18.30 -5.48 -11.35
N THR C 12 19.13 -6.26 -10.66
CA THR C 12 18.61 -7.43 -9.95
C THR C 12 18.82 -7.36 -8.45
N ILE C 13 17.76 -7.66 -7.71
CA ILE C 13 17.83 -7.78 -6.26
C ILE C 13 18.08 -9.23 -5.93
N GLU C 14 19.05 -9.48 -5.06
CA GLU C 14 19.34 -10.82 -4.58
C GLU C 14 19.04 -10.88 -3.08
N TYR C 15 18.09 -11.73 -2.72
CA TYR C 15 17.67 -11.90 -1.32
C TYR C 15 16.94 -13.21 -1.15
N GLY C 16 17.18 -13.88 -0.02
CA GLY C 16 16.39 -15.07 0.36
C GLY C 16 16.42 -16.17 -0.68
N HIS C 17 17.59 -16.39 -1.28
CA HIS C 17 17.81 -17.41 -2.32
C HIS C 17 17.02 -17.18 -3.61
N LYS C 18 16.58 -15.95 -3.82
CA LYS C 18 15.88 -15.57 -5.05
C LYS C 18 16.53 -14.36 -5.70
N GLU C 19 16.31 -14.24 -7.01
CA GLU C 19 16.67 -13.05 -7.77
C GLU C 19 15.39 -12.38 -8.24
N PHE C 20 15.32 -11.06 -8.11
CA PHE C 20 14.16 -10.28 -8.54
C PHE C 20 14.63 -9.18 -9.46
N VAL C 21 14.24 -9.27 -10.73
CA VAL C 21 14.72 -8.38 -11.76
C VAL C 21 13.78 -7.19 -11.98
N LEU C 22 14.35 -5.99 -11.98
CA LEU C 22 13.59 -4.77 -12.22
C LEU C 22 13.82 -4.31 -13.66
N SER C 23 12.72 -4.10 -14.38
CA SER C 23 12.76 -3.75 -15.81
C SER C 23 12.28 -2.33 -16.10
N ASN C 24 11.41 -1.80 -15.24
CA ASN C 24 10.81 -0.49 -15.44
C ASN C 24 10.61 0.14 -14.07
N LEU C 25 11.65 0.83 -13.58
CA LEU C 25 11.72 1.09 -12.13
C LEU C 25 10.52 1.82 -11.55
N GLN C 26 10.12 2.92 -12.18
CA GLN C 26 9.04 3.72 -11.60
C GLN C 26 7.75 2.92 -11.52
N GLU C 27 7.46 2.16 -12.58
CA GLU C 27 6.28 1.31 -12.62
C GLU C 27 6.38 0.14 -11.64
N ASP C 28 7.55 -0.48 -11.59
CA ASP C 28 7.80 -1.56 -10.63
C ASP C 28 7.58 -1.09 -9.19
N ILE C 29 8.09 0.09 -8.87
CA ILE C 29 7.92 0.65 -7.51
C ILE C 29 6.42 0.77 -7.20
N LYS C 30 5.67 1.31 -8.16
CA LYS C 30 4.19 1.43 -8.03
C LYS C 30 3.55 0.07 -7.75
N ASN C 31 3.90 -0.91 -8.57
CA ASN C 31 3.32 -2.25 -8.46
C ASN C 31 3.70 -2.93 -7.15
N LEU C 32 4.94 -2.75 -6.71
CA LEU C 32 5.42 -3.35 -5.47
C LEU C 32 4.71 -2.76 -4.26
N ALA C 33 4.49 -1.44 -4.29
CA ALA C 33 3.78 -0.77 -3.19
C ALA C 33 2.34 -1.28 -3.12
N GLU C 34 1.73 -1.50 -4.28
CA GLU C 34 0.38 -2.04 -4.35
CA GLU C 34 0.38 -2.03 -4.36
C GLU C 34 0.32 -3.44 -3.76
N ILE C 35 1.29 -4.26 -4.11
CA ILE C 35 1.33 -5.63 -3.60
C ILE C 35 1.49 -5.69 -2.07
N VAL C 36 2.41 -4.89 -1.50
CA VAL C 36 2.59 -4.91 -0.06
C VAL C 36 1.30 -4.44 0.65
N TYR C 37 0.64 -3.45 0.08
CA TYR C 37 -0.61 -2.96 0.62
C TYR C 37 -1.67 -4.04 0.57
N GLN C 38 -1.80 -4.68 -0.58
CA GLN C 38 -2.78 -5.77 -0.74
C GLN C 38 -2.54 -6.91 0.26
N LEU C 39 -1.29 -7.26 0.47
CA LEU C 39 -0.93 -8.31 1.44
C LEU C 39 -1.31 -7.90 2.85
N ALA C 40 -0.93 -6.69 3.24
CA ALA C 40 -1.26 -6.22 4.58
C ALA C 40 -2.76 -6.16 4.82
N LYS C 41 -3.50 -5.67 3.83
CA LYS C 41 -4.95 -5.54 3.99
C LYS C 41 -5.65 -6.89 4.03
N LEU C 42 -5.16 -7.87 3.25
CA LEU C 42 -5.68 -9.23 3.30
C LEU C 42 -5.43 -9.87 4.66
N ILE C 43 -4.20 -9.70 5.17
CA ILE C 43 -3.84 -10.21 6.49
C ILE C 43 -4.79 -9.66 7.54
N GLU C 44 -5.04 -8.36 7.48
CA GLU C 44 -5.98 -7.70 8.38
C GLU C 44 -7.39 -8.30 8.30
N LYS C 45 -7.89 -8.51 7.10
CA LYS C 45 -9.25 -9.04 6.93
C LYS C 45 -9.35 -10.48 7.42
N LEU C 46 -8.34 -11.27 7.10
CA LEU C 46 -8.27 -12.68 7.52
C LEU C 46 -8.16 -12.83 9.03
N SER C 47 -7.57 -11.84 9.70
CA SER C 47 -7.37 -11.93 11.15
C SER C 47 -8.67 -12.02 11.96
N GLN C 48 -9.79 -11.62 11.35
CA GLN C 48 -11.13 -11.80 11.93
C GLN C 48 -11.56 -13.27 12.08
N TYR C 49 -11.00 -14.15 11.25
CA TYR C 49 -11.40 -15.55 11.18
C TYR C 49 -10.30 -16.54 11.54
N GLU C 50 -9.09 -16.24 11.09
CA GLU C 50 -7.94 -17.09 11.32
C GLU C 50 -7.28 -16.68 12.63
N GLU C 51 -7.32 -17.59 13.61
CA GLU C 51 -6.70 -17.39 14.91
C GLU C 51 -5.20 -17.18 14.76
N GLU C 52 -4.62 -17.81 13.74
CA GLU C 52 -3.25 -17.53 13.32
C GLU C 52 -3.21 -17.35 11.80
N VAL C 53 -3.03 -16.12 11.36
CA VAL C 53 -2.98 -15.81 9.92
C VAL C 53 -1.70 -16.36 9.29
N ASP C 54 -1.84 -16.85 8.05
CA ASP C 54 -0.75 -17.48 7.32
C ASP C 54 0.62 -16.83 7.51
N THR C 55 1.56 -17.65 7.96
CA THR C 55 2.98 -17.38 7.85
C THR C 55 3.36 -17.11 6.38
N GLU C 56 2.68 -17.80 5.47
CA GLU C 56 2.83 -17.59 4.02
C GLU C 56 2.63 -16.13 3.60
N LEU C 57 1.56 -15.53 4.08
CA LEU C 57 1.22 -14.15 3.73
C LEU C 57 2.26 -13.18 4.33
N TYR C 58 2.68 -13.41 5.57
CA TYR C 58 3.71 -12.57 6.17
C TYR C 58 5.08 -12.78 5.49
N ASN C 59 5.35 -14.00 5.04
CA ASN C 59 6.58 -14.27 4.26
C ASN C 59 6.60 -13.46 2.97
N LEU C 60 5.46 -13.47 2.25
CA LEU C 60 5.32 -12.72 1.01
C LEU C 60 5.42 -11.23 1.28
N LEU C 61 4.77 -10.79 2.36
CA LEU C 61 4.81 -9.36 2.71
C LEU C 61 6.25 -8.91 2.96
N HIS C 62 7.02 -9.72 3.67
CA HIS C 62 8.43 -9.38 3.93
C HIS C 62 9.24 -9.33 2.63
N GLU C 63 9.05 -10.36 1.82
CA GLU C 63 9.75 -10.50 0.53
C GLU C 63 9.50 -9.27 -0.34
N TYR C 64 8.24 -8.93 -0.50
CA TYR C 64 7.89 -7.79 -1.36
C TYR C 64 8.29 -6.42 -0.76
N ALA C 65 8.31 -6.31 0.56
CA ALA C 65 8.82 -5.12 1.24
C ALA C 65 10.31 -4.93 0.94
N ILE C 66 11.05 -6.04 0.96
CA ILE C 66 12.46 -6.04 0.60
C ILE C 66 12.64 -5.60 -0.85
N TYR C 67 11.82 -6.12 -1.76
CA TYR C 67 11.90 -5.72 -3.17
C TYR C 67 11.59 -4.23 -3.32
N LEU C 68 10.59 -3.74 -2.59
CA LEU C 68 10.25 -2.32 -2.65
C LEU C 68 11.41 -1.45 -2.12
N ALA C 69 12.01 -1.88 -1.02
CA ALA C 69 13.13 -1.16 -0.42
C ALA C 69 14.31 -1.12 -1.39
N GLY C 70 14.59 -2.24 -2.07
CA GLY C 70 15.66 -2.31 -3.04
C GLY C 70 15.39 -1.48 -4.29
N ALA C 71 14.18 -1.58 -4.80
CA ALA C 71 13.77 -0.87 -6.02
C ALA C 71 13.83 0.63 -5.82
N THR C 72 13.32 1.10 -4.68
CA THR C 72 13.38 2.53 -4.36
C THR C 72 14.82 3.02 -4.21
N SER C 73 15.68 2.19 -3.63
CA SER C 73 17.12 2.54 -3.51
C SER C 73 17.74 2.69 -4.89
N PHE C 75 16.27 3.38 -7.69
CA PHE C 75 15.76 4.59 -8.33
C PHE C 75 16.48 5.85 -7.85
N ILE C 76 16.64 5.97 -6.53
CA ILE C 76 17.29 7.14 -5.94
C ILE C 76 18.75 7.21 -6.39
N ASP C 77 19.39 6.05 -6.48
CA ASP C 77 20.76 5.96 -6.96
C ASP C 77 20.83 6.46 -8.40
N SER C 78 19.85 6.04 -9.20
CA SER C 78 19.79 6.40 -10.63
C SER C 78 19.65 7.91 -10.79
N GLU C 79 18.74 8.49 -10.03
CA GLU C 79 18.49 9.94 -10.06
C GLU C 79 19.70 10.77 -9.62
N ASN C 80 20.44 10.29 -8.64
CA ASN C 80 21.65 10.98 -8.16
C ASN C 80 22.81 10.90 -9.15
N LYS C 81 22.76 9.90 -10.04
CA LYS C 81 23.72 9.76 -11.14
C LYS C 81 23.18 10.46 -12.39
N SER D 2 -4.46 39.07 7.89
CA SER D 2 -3.50 38.43 6.95
C SER D 2 -4.14 38.29 5.56
N LYS D 3 -3.31 38.21 4.53
CA LYS D 3 -3.81 38.20 3.14
C LYS D 3 -3.05 37.23 2.26
N ILE D 4 -3.79 36.43 1.50
CA ILE D 4 -3.22 35.56 0.47
C ILE D 4 -3.59 36.12 -0.88
N THR D 5 -2.59 36.28 -1.75
CA THR D 5 -2.83 36.79 -3.10
C THR D 5 -2.43 35.77 -4.15
N ILE D 6 -3.38 35.49 -5.05
CA ILE D 6 -3.18 34.55 -6.15
C ILE D 6 -3.29 35.33 -7.46
N ASN D 7 -2.22 35.31 -8.24
CA ASN D 7 -2.20 36.01 -9.53
C ASN D 7 -2.51 35.05 -10.65
N ILE D 8 -3.36 35.50 -11.56
CA ILE D 8 -3.79 34.70 -12.70
C ILE D 8 -3.55 35.49 -13.99
N LYS D 9 -2.65 34.96 -14.82
CA LYS D 9 -2.42 35.47 -16.17
C LYS D 9 -2.93 34.42 -17.15
N ASP D 10 -4.06 34.72 -17.79
CA ASP D 10 -4.71 33.82 -18.75
C ASP D 10 -5.01 32.46 -18.10
N ASN D 11 -4.36 31.40 -18.56
CA ASN D 11 -4.53 30.07 -17.96
C ASN D 11 -3.39 29.65 -17.02
N THR D 12 -2.63 30.64 -16.53
CA THR D 12 -1.48 30.38 -15.67
C THR D 12 -1.67 31.01 -14.29
N ILE D 13 -1.35 30.23 -13.25
CA ILE D 13 -1.37 30.72 -11.89
C ILE D 13 0.06 31.04 -11.47
N GLU D 14 0.23 32.19 -10.82
CA GLU D 14 1.52 32.65 -10.36
C GLU D 14 1.46 32.77 -8.85
N TYR D 15 2.31 32.01 -8.17
CA TYR D 15 2.32 31.96 -6.70
C TYR D 15 3.63 31.36 -6.18
N GLY D 16 4.15 31.91 -5.09
CA GLY D 16 5.27 31.30 -4.35
C GLY D 16 6.47 30.84 -5.18
N HIS D 17 6.95 31.75 -6.03
CA HIS D 17 8.11 31.53 -6.93
C HIS D 17 7.86 30.51 -8.06
N LYS D 18 6.60 30.13 -8.25
CA LYS D 18 6.25 29.15 -9.27
C LYS D 18 5.10 29.60 -10.17
N GLU D 19 5.05 29.01 -11.36
CA GLU D 19 3.95 29.22 -12.31
C GLU D 19 3.28 27.86 -12.55
N PHE D 20 1.96 27.86 -12.65
CA PHE D 20 1.21 26.62 -12.88
C PHE D 20 0.18 26.84 -13.98
N VAL D 21 0.30 26.06 -15.06
CA VAL D 21 -0.56 26.23 -16.24
C VAL D 21 -1.65 25.15 -16.29
N LEU D 22 -2.90 25.60 -16.38
CA LEU D 22 -4.05 24.70 -16.48
C LEU D 22 -4.35 24.45 -17.96
N SER D 23 -4.90 23.28 -18.26
CA SER D 23 -5.17 22.89 -19.65
C SER D 23 -6.56 22.29 -19.89
N ASN D 24 -7.13 21.68 -18.87
CA ASN D 24 -8.47 21.13 -18.94
C ASN D 24 -9.07 21.35 -17.56
N LEU D 25 -9.85 22.41 -17.39
CA LEU D 25 -10.27 22.82 -16.04
C LEU D 25 -11.08 21.74 -15.32
N GLN D 26 -12.03 21.13 -16.01
CA GLN D 26 -12.84 20.08 -15.38
C GLN D 26 -11.96 18.96 -14.81
N GLU D 27 -11.00 18.47 -15.60
CA GLU D 27 -10.14 17.36 -15.15
C GLU D 27 -9.10 17.81 -14.12
N ASP D 28 -8.49 18.96 -14.36
CA ASP D 28 -7.51 19.55 -13.44
C ASP D 28 -8.10 19.80 -12.05
N ILE D 29 -9.33 20.29 -11.99
CA ILE D 29 -9.96 20.53 -10.69
C ILE D 29 -10.13 19.21 -9.91
N LYS D 30 -10.63 18.17 -10.58
CA LYS D 30 -10.75 16.85 -9.94
C LYS D 30 -9.39 16.34 -9.49
N ASN D 31 -8.41 16.40 -10.39
CA ASN D 31 -7.06 15.88 -10.08
C ASN D 31 -6.37 16.64 -8.94
N LEU D 32 -6.51 17.97 -8.95
CA LEU D 32 -5.93 18.81 -7.89
C LEU D 32 -6.61 18.53 -6.54
N ALA D 33 -7.93 18.37 -6.52
CA ALA D 33 -8.64 18.06 -5.27
C ALA D 33 -8.15 16.73 -4.69
N GLU D 34 -8.00 15.74 -5.55
CA GLU D 34 -7.47 14.43 -5.15
CA GLU D 34 -7.46 14.43 -5.15
C GLU D 34 -6.05 14.52 -4.58
N ILE D 35 -5.20 15.32 -5.24
CA ILE D 35 -3.83 15.51 -4.77
C ILE D 35 -3.83 16.16 -3.38
N VAL D 36 -4.64 17.19 -3.21
CA VAL D 36 -4.75 17.87 -1.92
C VAL D 36 -5.21 16.91 -0.82
N TYR D 37 -6.23 16.12 -1.12
CA TYR D 37 -6.76 15.14 -0.17
C TYR D 37 -5.68 14.11 0.20
N GLN D 38 -4.97 13.62 -0.83
CA GLN D 38 -3.94 12.61 -0.61
C GLN D 38 -2.79 13.15 0.21
N LEU D 39 -2.39 14.41 -0.06
CA LEU D 39 -1.32 15.03 0.76
C LEU D 39 -1.75 15.17 2.21
N ALA D 40 -2.98 15.63 2.42
CA ALA D 40 -3.48 15.83 3.77
C ALA D 40 -3.53 14.50 4.54
N LYS D 41 -4.01 13.46 3.88
CA LYS D 41 -4.09 12.13 4.50
C LYS D 41 -2.70 11.54 4.79
N LEU D 42 -1.75 11.79 3.89
CA LEU D 42 -0.36 11.32 4.08
C LEU D 42 0.28 12.01 5.29
N ILE D 43 0.09 13.32 5.40
CA ILE D 43 0.57 14.07 6.57
C ILE D 43 -0.03 13.48 7.84
N GLU D 44 -1.33 13.22 7.82
CA GLU D 44 -2.01 12.61 8.97
C GLU D 44 -1.35 11.29 9.38
N LYS D 45 -1.10 10.43 8.40
CA LYS D 45 -0.55 9.10 8.68
C LYS D 45 0.89 9.18 9.15
N LEU D 46 1.67 10.06 8.54
CA LEU D 46 3.09 10.22 8.94
C LEU D 46 3.18 10.80 10.35
N SER D 47 2.20 11.60 10.72
CA SER D 47 2.20 12.24 12.03
C SER D 47 2.03 11.24 13.19
N GLN D 48 1.60 10.02 12.88
CA GLN D 48 1.57 8.89 13.83
C GLN D 48 2.96 8.54 14.34
N TYR D 49 3.97 8.72 13.49
CA TYR D 49 5.33 8.24 13.73
C TYR D 49 6.35 9.37 13.79
N GLU D 50 6.03 10.51 13.19
CA GLU D 50 6.97 11.60 13.10
C GLU D 50 6.56 12.76 13.97
N GLU D 51 7.43 13.16 14.89
CA GLU D 51 7.18 14.36 15.69
C GLU D 51 7.01 15.56 14.77
N GLU D 52 7.88 15.64 13.75
CA GLU D 52 7.79 16.68 12.73
C GLU D 52 7.74 16.06 11.32
N VAL D 53 6.61 16.24 10.65
CA VAL D 53 6.47 15.84 9.25
C VAL D 53 7.18 16.87 8.35
N ASP D 54 7.86 16.40 7.31
CA ASP D 54 8.68 17.27 6.46
C ASP D 54 7.89 18.49 5.98
N THR D 55 8.49 19.67 6.16
CA THR D 55 7.89 20.95 5.72
C THR D 55 7.50 20.93 4.27
N GLU D 56 8.24 20.19 3.46
CA GLU D 56 7.95 20.09 2.03
C GLU D 56 6.53 19.60 1.77
N LEU D 57 6.05 18.64 2.57
CA LEU D 57 4.69 18.10 2.38
C LEU D 57 3.63 19.15 2.65
N TYR D 58 3.84 19.95 3.70
CA TYR D 58 2.93 21.09 4.01
C TYR D 58 2.94 22.13 2.89
N ASN D 59 4.14 22.42 2.36
CA ASN D 59 4.31 23.33 1.24
C ASN D 59 3.58 22.84 -0.01
N LEU D 60 3.77 21.56 -0.38
CA LEU D 60 3.09 20.97 -1.54
C LEU D 60 1.57 21.04 -1.35
N LEU D 61 1.12 20.71 -0.15
CA LEU D 61 -0.30 20.76 0.15
C LEU D 61 -0.90 22.13 -0.10
N HIS D 62 -0.22 23.17 0.38
CA HIS D 62 -0.71 24.54 0.21
C HIS D 62 -0.67 24.97 -1.26
N GLU D 63 0.45 24.66 -1.89
CA GLU D 63 0.67 24.98 -3.30
C GLU D 63 -0.47 24.45 -4.17
N TYR D 64 -0.73 23.15 -4.05
CA TYR D 64 -1.78 22.53 -4.85
C TYR D 64 -3.17 23.06 -4.50
N ALA D 65 -3.41 23.40 -3.24
CA ALA D 65 -4.68 24.03 -2.85
C ALA D 65 -4.84 25.41 -3.47
N ILE D 66 -3.75 26.15 -3.59
CA ILE D 66 -3.76 27.46 -4.26
C ILE D 66 -4.09 27.29 -5.75
N TYR D 67 -3.49 26.30 -6.39
CA TYR D 67 -3.75 26.06 -7.82
C TYR D 67 -5.22 25.66 -8.04
N LEU D 68 -5.73 24.85 -7.12
CA LEU D 68 -7.14 24.45 -7.14
C LEU D 68 -8.08 25.66 -6.97
N ALA D 69 -7.76 26.57 -6.06
CA ALA D 69 -8.57 27.79 -5.87
C ALA D 69 -8.55 28.64 -7.14
N GLY D 70 -7.38 28.78 -7.75
CA GLY D 70 -7.25 29.53 -9.01
C GLY D 70 -8.00 28.86 -10.15
N ALA D 71 -7.85 27.55 -10.24
CA ALA D 71 -8.56 26.76 -11.27
C ALA D 71 -10.09 26.89 -11.17
N THR D 72 -10.63 26.82 -9.96
CA THR D 72 -12.08 26.98 -9.79
C THR D 72 -12.56 28.39 -10.13
N SER D 73 -11.71 29.39 -9.90
CA SER D 73 -12.05 30.77 -10.28
C SER D 73 -12.16 30.87 -11.79
N PHE D 75 -12.80 28.48 -13.80
CA PHE D 75 -13.95 27.64 -14.18
C PHE D 75 -15.25 28.43 -14.16
N ILE D 76 -15.47 29.22 -13.13
CA ILE D 76 -16.72 30.00 -13.03
C ILE D 76 -16.71 31.22 -13.91
N ASP D 77 -15.55 31.90 -14.03
CA ASP D 77 -15.41 33.00 -14.98
C ASP D 77 -15.79 32.54 -16.38
N SER D 78 -15.25 31.39 -16.77
CA SER D 78 -15.52 30.79 -18.08
C SER D 78 -16.99 30.44 -18.27
N GLU D 79 -17.59 29.84 -17.24
CA GLU D 79 -18.99 29.45 -17.29
C GLU D 79 -19.91 30.68 -17.47
N ASN D 80 -19.61 31.76 -16.75
CA ASN D 80 -20.40 32.98 -16.86
C ASN D 80 -20.27 33.65 -18.23
N LYS D 81 -19.10 33.52 -18.85
CA LYS D 81 -18.89 34.04 -20.21
C LYS D 81 -19.70 33.25 -21.24
#